data_6YB1
#
_entry.id   6YB1
#
_cell.length_a   47.864
_cell.length_b   47.864
_cell.length_c   103.153
_cell.angle_alpha   90.000
_cell.angle_beta   90.000
_cell.angle_gamma   120.000
#
_symmetry.space_group_name_H-M   'P 31 1 2'
#
loop_
_entity.id
_entity.type
_entity.pdbx_description
1 polymer K2-CCTM-VbIc
2 non-polymer GLYCINE
3 non-polymer 'NONAETHYLENE GLYCOL'
4 water water
#
_entity_poly.entity_id   1
_entity_poly.type   'polypeptide(L)'
_entity_poly.pdbx_seq_one_letter_code
;(ACE)GKKSAWATVISALATVISALATVISAWATVG(NH2)
;
_entity_poly.pdbx_strand_id   A,B,C,D
#
# COMPACT_ATOMS: atom_id res chain seq x y z
N GLY A 2 20.40 9.26 7.00
CA GLY A 2 20.10 7.94 7.55
C GLY A 2 18.83 7.94 8.38
N LYS A 3 18.72 8.91 9.28
CA LYS A 3 17.54 8.99 10.15
C LYS A 3 16.28 9.26 9.33
N LYS A 4 16.39 10.11 8.29
CA LYS A 4 15.25 10.36 7.43
C LYS A 4 14.85 9.11 6.66
N SER A 5 15.83 8.34 6.18
CA SER A 5 15.52 7.08 5.51
C SER A 5 14.86 6.09 6.47
N ALA A 6 15.27 6.09 7.73
CA ALA A 6 14.66 5.19 8.71
C ALA A 6 13.20 5.57 8.96
N TRP A 7 12.92 6.87 9.09
CA TRP A 7 11.53 7.31 9.24
C TRP A 7 10.70 6.98 8.00
N ALA A 8 11.28 7.16 6.81
CA ALA A 8 10.59 6.77 5.58
C ALA A 8 10.27 5.29 5.60
N THR A 9 11.19 4.48 6.12
CA THR A 9 10.95 3.04 6.23
C THR A 9 9.78 2.75 7.16
N VAL A 10 9.74 3.41 8.32
CA VAL A 10 8.63 3.21 9.26
C VAL A 10 7.30 3.53 8.58
N ILE A 11 7.23 4.65 7.86
CA ILE A 11 5.94 5.04 7.28
C ILE A 11 5.55 4.11 6.12
N SER A 12 6.54 3.68 5.34
CA SER A 12 6.28 2.73 4.27
C SER A 12 5.80 1.39 4.82
N ALA A 13 6.43 0.91 5.90
CA ALA A 13 6.00 -0.34 6.52
C ALA A 13 4.59 -0.22 7.08
N LEU A 14 4.23 0.95 7.60
CA LEU A 14 2.86 1.16 8.05
C LEU A 14 1.88 1.05 6.89
N ALA A 15 2.21 1.68 5.76
CA ALA A 15 1.36 1.55 4.57
C ALA A 15 1.22 0.09 4.16
N THR A 16 2.33 -0.65 4.22
CA THR A 16 2.31 -2.05 3.82
C THR A 16 1.43 -2.89 4.74
N VAL A 17 1.50 -2.67 6.06
CA VAL A 17 0.68 -3.46 6.97
C VAL A 17 -0.81 -3.12 6.77
N ILE A 18 -1.14 -1.85 6.56
CA ILE A 18 -2.55 -1.50 6.36
C ILE A 18 -3.07 -2.08 5.05
N SER A 19 -2.25 -2.04 4.00
CA SER A 19 -2.66 -2.64 2.73
C SER A 19 -2.82 -4.15 2.85
N ALA A 20 -1.94 -4.80 3.61
CA ALA A 20 -2.06 -6.25 3.84
C ALA A 20 -3.32 -6.59 4.61
N LEU A 21 -3.68 -5.75 5.60
CA LEU A 21 -4.93 -5.98 6.31
C LEU A 21 -6.12 -5.86 5.36
N ALA A 22 -6.11 -4.85 4.49
CA ALA A 22 -7.15 -4.73 3.49
C ALA A 22 -7.20 -5.98 2.61
N THR A 23 -6.04 -6.51 2.23
CA THR A 23 -6.00 -7.71 1.39
C THR A 23 -6.59 -8.91 2.10
N VAL A 24 -6.25 -9.12 3.38
CA VAL A 24 -6.77 -10.29 4.07
C VAL A 24 -8.28 -10.17 4.23
N ILE A 25 -8.78 -8.97 4.49
CA ILE A 25 -10.22 -8.81 4.64
C ILE A 25 -10.92 -9.02 3.29
N SER A 26 -10.30 -8.55 2.21
CA SER A 26 -10.87 -8.77 0.88
C SER A 26 -10.89 -10.26 0.52
N ALA A 27 -9.82 -10.98 0.82
CA ALA A 27 -9.78 -12.41 0.55
C ALA A 27 -10.80 -13.16 1.39
N TRP A 28 -10.95 -12.75 2.65
CA TRP A 28 -11.96 -13.34 3.52
C TRP A 28 -13.36 -13.09 2.97
N ALA A 29 -13.59 -11.91 2.40
CA ALA A 29 -14.86 -11.67 1.72
C ALA A 29 -15.01 -12.57 0.50
N THR A 30 -13.91 -12.82 -0.22
CA THR A 30 -13.96 -13.69 -1.38
C THR A 30 -14.38 -15.11 -1.00
N VAL A 31 -13.89 -15.61 0.14
CA VAL A 31 -14.34 -16.93 0.58
C VAL A 31 -15.65 -16.86 1.34
N GLY A 32 -16.06 -15.67 1.79
CA GLY A 32 -17.30 -15.51 2.52
C GLY A 32 -18.52 -15.38 1.64
N GLY B 2 -20.76 -7.19 0.83
CA GLY B 2 -21.25 -6.91 2.17
C GLY B 2 -20.35 -6.09 3.08
N LYS B 3 -20.53 -6.29 4.38
CA LYS B 3 -19.78 -5.54 5.37
C LYS B 3 -18.28 -5.81 5.27
N LYS B 4 -17.89 -7.04 4.93
CA LYS B 4 -16.47 -7.34 4.78
C LYS B 4 -15.86 -6.54 3.64
N SER B 5 -16.55 -6.45 2.50
CA SER B 5 -16.05 -5.65 1.38
C SER B 5 -16.05 -4.16 1.74
N ALA B 6 -17.02 -3.71 2.52
CA ALA B 6 -17.01 -2.31 2.94
C ALA B 6 -15.80 -2.01 3.82
N TRP B 7 -15.50 -2.93 4.74
CA TRP B 7 -14.29 -2.78 5.56
C TRP B 7 -13.04 -2.80 4.71
N ALA B 8 -12.98 -3.69 3.73
CA ALA B 8 -11.82 -3.73 2.85
C ALA B 8 -11.68 -2.41 2.08
N THR B 9 -12.80 -1.81 1.68
CA THR B 9 -12.74 -0.53 1.00
C THR B 9 -12.15 0.55 1.91
N VAL B 10 -12.68 0.64 3.14
CA VAL B 10 -12.20 1.64 4.08
C VAL B 10 -10.70 1.47 4.34
N ILE B 11 -10.27 0.23 4.60
CA ILE B 11 -8.88 0.00 4.94
C ILE B 11 -7.97 0.20 3.74
N SER B 12 -8.43 -0.15 2.53
CA SER B 12 -7.65 0.17 1.35
C SER B 12 -7.46 1.66 1.20
N ALA B 13 -8.52 2.44 1.48
CA ALA B 13 -8.38 3.90 1.42
C ALA B 13 -7.35 4.41 2.43
N LEU B 14 -7.37 3.84 3.64
CA LEU B 14 -6.37 4.22 4.65
C LEU B 14 -4.96 3.87 4.19
N ALA B 15 -4.81 2.69 3.59
CA ALA B 15 -3.53 2.29 3.03
C ALA B 15 -3.07 3.28 1.96
N THR B 16 -4.01 3.77 1.15
CA THR B 16 -3.69 4.77 0.13
C THR B 16 -3.18 6.05 0.78
N VAL B 17 -3.82 6.45 1.87
CA VAL B 17 -3.42 7.68 2.56
C VAL B 17 -2.01 7.56 3.09
N ILE B 18 -1.72 6.44 3.76
CA ILE B 18 -0.41 6.25 4.35
C ILE B 18 0.65 6.09 3.26
N SER B 19 0.29 5.43 2.15
CA SER B 19 1.25 5.26 1.06
C SER B 19 1.60 6.59 0.42
N ALA B 20 0.63 7.51 0.28
CA ALA B 20 0.96 8.83 -0.23
C ALA B 20 1.90 9.58 0.71
N LEU B 21 1.63 9.50 2.02
CA LEU B 21 2.56 10.11 2.98
C LEU B 21 3.95 9.46 2.92
N ALA B 22 4.00 8.13 2.79
CA ALA B 22 5.27 7.43 2.65
C ALA B 22 6.02 7.89 1.43
N THR B 23 5.29 8.14 0.33
CA THR B 23 5.93 8.63 -0.89
C THR B 23 6.59 9.98 -0.63
N VAL B 24 5.88 10.88 0.07
CA VAL B 24 6.45 12.19 0.34
C VAL B 24 7.67 12.10 1.26
N ILE B 25 7.60 11.26 2.29
CA ILE B 25 8.72 11.16 3.22
C ILE B 25 9.92 10.47 2.55
N SER B 26 9.65 9.51 1.66
CA SER B 26 10.75 8.87 0.94
CA SER B 26 10.75 8.87 0.94
C SER B 26 11.42 9.84 -0.03
N ALA B 27 10.65 10.73 -0.64
CA ALA B 27 11.27 11.77 -1.46
C ALA B 27 12.11 12.69 -0.59
N TRP B 28 11.62 13.01 0.61
CA TRP B 28 12.38 13.83 1.54
C TRP B 28 13.70 13.16 1.91
N ALA B 29 13.67 11.84 2.15
CA ALA B 29 14.90 11.10 2.41
C ALA B 29 15.80 11.07 1.19
N THR B 30 15.21 10.98 0.00
CA THR B 30 16.00 10.94 -1.24
C THR B 30 16.81 12.22 -1.41
N VAL B 31 16.22 13.37 -1.07
CA VAL B 31 16.97 14.62 -1.18
C VAL B 31 17.87 14.88 0.01
N GLY B 32 17.68 14.15 1.11
CA GLY B 32 18.57 14.27 2.26
C GLY B 32 18.08 15.10 3.43
N GLY C 2 20.87 7.07 -1.56
CA GLY C 2 20.18 8.02 -2.41
C GLY C 2 19.36 7.38 -3.51
N LYS C 3 20.02 6.59 -4.36
CA LYS C 3 19.34 5.91 -5.46
C LYS C 3 18.29 4.94 -4.95
N LYS C 4 18.60 4.27 -3.84
CA LYS C 4 17.63 3.35 -3.25
C LYS C 4 16.41 4.11 -2.74
N SER C 5 16.63 5.28 -2.10
CA SER C 5 15.50 6.09 -1.66
C SER C 5 14.68 6.61 -2.84
N ALA C 6 15.35 6.92 -3.96
CA ALA C 6 14.62 7.37 -5.14
C ALA C 6 13.73 6.27 -5.70
N TRP C 7 14.27 5.04 -5.76
CA TRP C 7 13.45 3.92 -6.20
C TRP C 7 12.30 3.67 -5.24
N ALA C 8 12.57 3.77 -3.93
CA ALA C 8 11.49 3.60 -2.95
C ALA C 8 10.41 4.65 -3.15
N THR C 9 10.80 5.88 -3.49
CA THR C 9 9.82 6.93 -3.74
C THR C 9 8.95 6.59 -4.94
N VAL C 10 9.58 6.20 -6.06
CA VAL C 10 8.82 5.84 -7.25
C VAL C 10 7.86 4.69 -6.95
N ILE C 11 8.34 3.66 -6.25
CA ILE C 11 7.51 2.50 -6.00
C ILE C 11 6.40 2.82 -5.00
N SER C 12 6.67 3.70 -4.03
CA SER C 12 5.61 4.14 -3.13
C SER C 12 4.52 4.89 -3.88
N ALA C 13 4.89 5.74 -4.84
CA ALA C 13 3.86 6.41 -5.64
C ALA C 13 3.05 5.40 -6.45
N LEU C 14 3.73 4.38 -7.00
CA LEU C 14 3.01 3.32 -7.71
C LEU C 14 2.06 2.58 -6.77
N ALA C 15 2.53 2.24 -5.58
CA ALA C 15 1.69 1.56 -4.59
C ALA C 15 0.49 2.42 -4.23
N THR C 16 0.69 3.74 -4.13
CA THR C 16 -0.41 4.64 -3.83
C THR C 16 -1.47 4.57 -4.92
N VAL C 17 -1.04 4.58 -6.17
CA VAL C 17 -1.99 4.49 -7.28
C VAL C 17 -2.72 3.15 -7.27
N ILE C 18 -1.98 2.05 -7.07
CA ILE C 18 -2.61 0.73 -7.11
C ILE C 18 -3.54 0.53 -5.93
N SER C 19 -3.16 1.05 -4.76
CA SER C 19 -4.02 0.96 -3.59
C SER C 19 -5.31 1.76 -3.80
N ALA C 20 -5.21 2.91 -4.47
CA ALA C 20 -6.42 3.66 -4.80
C ALA C 20 -7.31 2.86 -5.75
N LEU C 21 -6.70 2.22 -6.75
CA LEU C 21 -7.48 1.37 -7.66
C LEU C 21 -8.15 0.22 -6.92
N ALA C 22 -7.41 -0.42 -5.99
CA ALA C 22 -7.97 -1.47 -5.17
C ALA C 22 -9.15 -0.96 -4.36
N THR C 23 -9.05 0.26 -3.83
CA THR C 23 -10.15 0.85 -3.08
C THR C 23 -11.39 0.99 -3.96
N VAL C 24 -11.19 1.47 -5.20
CA VAL C 24 -12.34 1.66 -6.08
C VAL C 24 -12.97 0.33 -6.47
N ILE C 25 -12.15 -0.68 -6.74
CA ILE C 25 -12.70 -1.99 -7.11
C ILE C 25 -13.38 -2.64 -5.92
N SER C 26 -12.86 -2.40 -4.71
CA SER C 26 -13.49 -2.92 -3.51
C SER C 26 -14.84 -2.26 -3.26
N ALA C 27 -14.94 -0.96 -3.51
CA ALA C 27 -16.25 -0.29 -3.43
C ALA C 27 -17.21 -0.87 -4.46
N TRP C 28 -16.71 -1.13 -5.67
CA TRP C 28 -17.52 -1.75 -6.72
C TRP C 28 -18.04 -3.11 -6.28
N ALA C 29 -17.19 -3.91 -5.64
CA ALA C 29 -17.63 -5.20 -5.10
C ALA C 29 -18.63 -5.02 -3.98
N THR C 30 -18.44 -4.00 -3.13
CA THR C 30 -19.35 -3.79 -2.02
C THR C 30 -20.76 -3.49 -2.51
N VAL C 31 -20.90 -2.62 -3.51
CA VAL C 31 -22.22 -2.35 -4.08
C VAL C 31 -22.58 -3.21 -5.28
N GLY C 32 -21.62 -3.89 -5.89
CA GLY C 32 -21.91 -4.71 -7.06
C GLY C 32 -22.36 -6.12 -6.77
N GLY D 2 -17.95 -13.46 -4.65
CA GLY D 2 -18.15 -13.37 -6.08
C GLY D 2 -16.94 -12.99 -6.92
N LYS D 3 -17.17 -12.89 -8.23
CA LYS D 3 -16.11 -12.55 -9.17
C LYS D 3 -15.56 -11.15 -8.89
N LYS D 4 -16.43 -10.21 -8.56
CA LYS D 4 -15.99 -8.85 -8.26
C LYS D 4 -15.14 -8.80 -7.00
N SER D 5 -15.56 -9.52 -5.95
CA SER D 5 -14.76 -9.56 -4.73
C SER D 5 -13.41 -10.24 -4.95
N ALA D 6 -13.39 -11.28 -5.80
CA ALA D 6 -12.13 -11.93 -6.10
C ALA D 6 -11.18 -11.01 -6.85
N TRP D 7 -11.71 -10.25 -7.82
CA TRP D 7 -10.88 -9.27 -8.52
C TRP D 7 -10.38 -8.19 -7.57
N ALA D 8 -11.23 -7.74 -6.64
CA ALA D 8 -10.80 -6.76 -5.66
C ALA D 8 -9.66 -7.31 -4.82
N THR D 9 -9.74 -8.60 -4.46
CA THR D 9 -8.66 -9.22 -3.72
C THR D 9 -7.37 -9.22 -4.52
N VAL D 10 -7.44 -9.59 -5.81
CA VAL D 10 -6.23 -9.61 -6.63
C VAL D 10 -5.59 -8.21 -6.67
N ILE D 11 -6.39 -7.17 -6.89
CA ILE D 11 -5.81 -5.83 -7.04
C ILE D 11 -5.28 -5.32 -5.70
N SER D 12 -5.98 -5.63 -4.61
CA SER D 12 -5.48 -5.26 -3.28
C SER D 12 -4.17 -5.97 -2.96
N ALA D 13 -4.07 -7.25 -3.32
CA ALA D 13 -2.83 -8.00 -3.11
C ALA D 13 -1.70 -7.42 -3.94
N LEU D 14 -2.00 -6.95 -5.15
CA LEU D 14 -0.98 -6.27 -5.96
C LEU D 14 -0.50 -5.00 -5.27
N ALA D 15 -1.43 -4.20 -4.76
CA ALA D 15 -1.03 -3.00 -4.03
C ALA D 15 -0.15 -3.36 -2.84
N THR D 16 -0.50 -4.43 -2.13
CA THR D 16 0.28 -4.85 -0.97
C THR D 16 1.69 -5.26 -1.37
N VAL D 17 1.84 -6.02 -2.48
CA VAL D 17 3.17 -6.43 -2.90
C VAL D 17 4.01 -5.23 -3.33
N ILE D 18 3.40 -4.27 -4.04
CA ILE D 18 4.17 -3.09 -4.48
C ILE D 18 4.58 -2.25 -3.29
N SER D 19 3.68 -2.09 -2.31
CA SER D 19 4.02 -1.35 -1.09
C SER D 19 5.11 -2.05 -0.31
N ALA D 20 5.05 -3.39 -0.26
CA ALA D 20 6.09 -4.16 0.43
C ALA D 20 7.43 -3.98 -0.26
N LEU D 21 7.44 -3.95 -1.60
CA LEU D 21 8.68 -3.71 -2.33
C LEU D 21 9.25 -2.34 -1.97
N ALA D 22 8.37 -1.32 -1.91
CA ALA D 22 8.86 -0.01 -1.49
C ALA D 22 9.46 -0.07 -0.10
N THR D 23 8.81 -0.82 0.80
CA THR D 23 9.30 -0.92 2.18
C THR D 23 10.67 -1.60 2.24
N VAL D 24 10.85 -2.70 1.51
CA VAL D 24 12.14 -3.39 1.58
C VAL D 24 13.22 -2.51 0.99
N ILE D 25 12.91 -1.77 -0.08
CA ILE D 25 13.93 -0.90 -0.67
C ILE D 25 14.27 0.24 0.28
N SER D 26 13.27 0.79 0.98
CA SER D 26 13.54 1.84 1.94
C SER D 26 14.38 1.33 3.11
N ALA D 27 14.11 0.12 3.60
CA ALA D 27 14.90 -0.41 4.71
C ALA D 27 16.34 -0.67 4.26
N TRP D 28 16.51 -1.20 3.05
CA TRP D 28 17.85 -1.41 2.52
C TRP D 28 18.58 -0.09 2.36
N ALA D 29 17.87 0.97 1.98
CA ALA D 29 18.49 2.29 1.95
C ALA D 29 18.89 2.74 3.35
N THR D 30 18.06 2.42 4.34
CA THR D 30 18.35 2.80 5.72
C THR D 30 19.65 2.17 6.21
N VAL D 31 19.92 0.91 5.83
CA VAL D 31 21.17 0.29 6.27
C VAL D 31 22.37 0.68 5.41
N GLY D 32 22.14 1.28 4.22
CA GLY D 32 23.25 1.72 3.40
C GLY D 32 23.22 1.28 1.95
#